data_5WTU
#
_entry.id   5WTU
#
_cell.length_a   57.297
_cell.length_b   57.297
_cell.length_c   130.222
_cell.angle_alpha   90.000
_cell.angle_beta   90.000
_cell.angle_gamma   90.000
#
_symmetry.space_group_name_H-M   'P 43'
#
_entity_poly.entity_id   1
_entity_poly.type   'polypeptide(L)'
_entity_poly.pdbx_seq_one_letter_code
;MLPNRMALSRQTEDQLKKLKKYTKITPNIAARLAFFRSVESEFRYSPERDSKKLDGTLVLDKITWLGETLQATELVLKML
YPQLEQKALIKAWAAHVEDGIAALRNHKSL
;
_entity_poly.pdbx_strand_id   A,B,C,D
#
# COMPACT_ATOMS: atom_id res chain seq x y z
N MET A 1 -12.57 -9.05 1.71
CA MET A 1 -13.80 -8.67 0.96
C MET A 1 -13.97 -9.44 -0.35
N LEU A 2 -12.89 -10.07 -0.82
CA LEU A 2 -12.98 -11.08 -1.89
C LEU A 2 -13.63 -12.34 -1.33
N PRO A 3 -14.38 -13.10 -2.17
CA PRO A 3 -15.01 -14.34 -1.70
C PRO A 3 -14.01 -15.44 -1.36
N ASN A 4 -14.43 -16.39 -0.52
CA ASN A 4 -13.57 -17.45 -0.01
C ASN A 4 -13.11 -18.47 -1.06
N ARG A 5 -14.03 -18.94 -1.90
CA ARG A 5 -13.69 -19.80 -3.04
C ARG A 5 -13.82 -18.99 -4.33
N MET A 6 -12.82 -19.07 -5.19
CA MET A 6 -12.84 -18.33 -6.45
C MET A 6 -12.20 -19.05 -7.63
N ALA A 7 -12.64 -18.65 -8.82
CA ALA A 7 -12.15 -19.20 -10.09
C ALA A 7 -11.91 -18.07 -11.09
N LEU A 8 -11.04 -18.35 -12.06
CA LEU A 8 -10.87 -17.48 -13.23
C LEU A 8 -11.76 -18.01 -14.34
N SER A 9 -11.63 -17.46 -15.55
CA SER A 9 -12.30 -18.00 -16.72
C SER A 9 -11.48 -19.15 -17.29
N ARG A 10 -12.13 -19.97 -18.13
CA ARG A 10 -11.49 -21.09 -18.84
C ARG A 10 -10.24 -20.66 -19.62
N GLN A 11 -10.35 -19.52 -20.32
CA GLN A 11 -9.24 -18.95 -21.09
C GLN A 11 -8.07 -18.54 -20.22
N THR A 12 -8.36 -17.82 -19.13
CA THR A 12 -7.34 -17.28 -18.23
C THR A 12 -6.58 -18.37 -17.47
N GLU A 13 -7.31 -19.35 -16.92
CA GLU A 13 -6.65 -20.47 -16.23
C GLU A 13 -5.82 -21.35 -17.18
N ASP A 14 -6.20 -21.38 -18.46
CA ASP A 14 -5.40 -22.04 -19.48
C ASP A 14 -4.10 -21.28 -19.72
N GLN A 15 -4.19 -19.97 -19.95
CA GLN A 15 -3.03 -19.07 -20.09
C GLN A 15 -2.09 -19.16 -18.90
N LEU A 16 -2.69 -19.30 -17.72
CA LEU A 16 -2.00 -19.44 -16.45
C LEU A 16 -1.17 -20.72 -16.37
N LYS A 17 -1.74 -21.82 -16.87
CA LYS A 17 -1.04 -23.10 -16.94
C LYS A 17 0.10 -23.09 -17.97
N LYS A 18 -0.01 -22.21 -18.96
CA LYS A 18 1.01 -22.09 -20.02
C LYS A 18 2.31 -21.43 -19.55
N LEU A 19 2.20 -20.48 -18.62
CA LEU A 19 3.38 -19.86 -18.02
C LEU A 19 4.09 -20.90 -17.16
N LYS A 20 5.15 -21.46 -17.72
CA LYS A 20 5.81 -22.61 -17.13
C LYS A 20 7.19 -22.32 -16.56
N LYS A 21 7.87 -21.32 -17.11
CA LYS A 21 9.23 -20.97 -16.68
C LYS A 21 9.45 -19.47 -16.58
N TYR A 22 10.56 -19.08 -15.95
CA TYR A 22 10.88 -17.68 -15.70
C TYR A 22 11.70 -17.04 -16.82
N LYS A 24 8.62 -25.24 -13.18
CA LYS A 24 9.18 -24.03 -12.59
C LYS A 24 8.08 -23.12 -12.02
N ILE A 25 7.10 -22.76 -12.87
CA ILE A 25 5.97 -21.92 -12.44
C ILE A 25 4.67 -22.70 -12.35
N THR A 26 3.98 -22.55 -11.21
CA THR A 26 2.68 -23.18 -10.93
C THR A 26 1.51 -22.17 -11.09
N PRO A 27 0.30 -22.64 -11.49
CA PRO A 27 -0.86 -21.79 -11.81
C PRO A 27 -1.19 -20.67 -10.80
N ASN A 28 -1.35 -21.01 -9.52
CA ASN A 28 -1.66 -20.02 -8.48
C ASN A 28 -0.59 -18.92 -8.34
N ILE A 29 0.68 -19.33 -8.45
CA ILE A 29 1.82 -18.41 -8.44
C ILE A 29 1.81 -17.53 -9.69
N ALA A 30 1.59 -18.15 -10.86
CA ALA A 30 1.42 -17.44 -12.13
C ALA A 30 0.35 -16.36 -12.02
N ALA A 31 -0.75 -16.68 -11.32
CA ALA A 31 -1.84 -15.73 -11.07
C ALA A 31 -1.40 -14.53 -10.23
N ARG A 32 -0.59 -14.79 -9.20
CA ARG A 32 -0.08 -13.74 -8.32
C ARG A 32 0.88 -12.79 -9.05
N LEU A 33 1.76 -13.38 -9.85
CA LEU A 33 2.71 -12.64 -10.68
C LEU A 33 1.96 -11.82 -11.73
N ALA A 34 0.89 -12.39 -12.30
CA ALA A 34 0.06 -11.72 -13.29
C ALA A 34 -0.75 -10.57 -12.72
N PHE A 35 -1.31 -10.77 -11.52
CA PHE A 35 -2.08 -9.72 -10.84
C PHE A 35 -1.21 -8.50 -10.56
N PHE A 36 -0.04 -8.73 -9.94
CA PHE A 36 0.90 -7.68 -9.62
C PHE A 36 1.41 -6.95 -10.88
N ARG A 37 1.73 -7.73 -11.91
CA ARG A 37 2.20 -7.19 -13.21
C ARG A 37 1.17 -6.28 -13.87
N SER A 38 -0.11 -6.65 -13.76
CA SER A 38 -1.20 -5.85 -14.31
C SER A 38 -1.47 -4.60 -13.49
N VAL A 39 -1.36 -4.73 -12.17
CA VAL A 39 -1.57 -3.61 -11.24
C VAL A 39 -0.49 -2.54 -11.44
N GLU A 40 0.76 -2.99 -11.61
CA GLU A 40 1.87 -2.10 -11.90
C GLU A 40 1.84 -1.55 -13.35
N SER A 41 0.90 -2.01 -14.17
CA SER A 41 0.66 -1.38 -15.46
C SER A 41 -0.35 -0.24 -15.31
N GLU A 42 -0.75 0.33 -16.44
CA GLU A 42 -1.76 1.38 -16.49
C GLU A 42 -3.18 0.81 -16.64
N PHE A 43 -3.26 -0.51 -16.86
CA PHE A 43 -4.54 -1.18 -17.06
C PHE A 43 -5.41 -1.11 -15.82
N ARG A 44 -6.65 -0.68 -16.02
CA ARG A 44 -7.66 -0.65 -14.96
C ARG A 44 -8.94 -1.31 -15.45
N TYR A 45 -9.54 -2.10 -14.55
CA TYR A 45 -10.75 -2.86 -14.84
C TYR A 45 -11.95 -1.96 -15.13
N SER A 46 -12.68 -2.32 -16.19
CA SER A 46 -13.89 -1.63 -16.58
C SER A 46 -15.05 -2.64 -16.41
N PRO A 47 -15.96 -2.39 -15.45
CA PRO A 47 -17.01 -3.37 -15.13
C PRO A 47 -17.95 -3.65 -16.30
N GLU A 48 -18.12 -2.65 -17.16
CA GLU A 48 -18.96 -2.77 -18.35
C GLU A 48 -18.35 -3.65 -19.46
N ARG A 49 -17.06 -3.45 -19.73
CA ARG A 49 -16.44 -4.00 -20.93
C ARG A 49 -15.31 -5.03 -20.67
N ASP A 50 -15.06 -5.31 -19.40
CA ASP A 50 -14.01 -6.26 -18.99
C ASP A 50 -14.53 -7.47 -18.22
N SER A 51 -15.77 -7.39 -17.74
CA SER A 51 -16.36 -8.45 -16.92
C SER A 51 -16.69 -9.69 -17.75
N LYS A 52 -16.24 -10.83 -17.25
CA LYS A 52 -16.51 -12.14 -17.86
C LYS A 52 -17.14 -13.08 -16.83
N LYS A 53 -17.77 -14.14 -17.33
CA LYS A 53 -18.22 -15.25 -16.49
C LYS A 53 -17.03 -16.12 -16.11
N LEU A 54 -16.90 -16.40 -14.81
CA LEU A 54 -15.76 -17.15 -14.30
C LEU A 54 -16.05 -18.64 -14.33
N ASP A 55 -15.97 -19.20 -15.53
CA ASP A 55 -16.34 -20.60 -15.79
C ASP A 55 -15.13 -21.53 -15.86
N GLY A 56 -14.10 -21.21 -15.06
CA GLY A 56 -12.89 -22.02 -14.99
C GLY A 56 -13.10 -23.31 -14.23
N THR A 57 -12.28 -24.31 -14.57
CA THR A 57 -12.30 -25.61 -13.90
C THR A 57 -11.66 -25.53 -12.52
N LEU A 58 -10.61 -24.73 -12.41
CA LEU A 58 -9.83 -24.61 -11.18
C LEU A 58 -10.41 -23.58 -10.20
N VAL A 59 -11.16 -24.08 -9.22
CA VAL A 59 -11.68 -23.27 -8.12
C VAL A 59 -10.84 -23.58 -6.87
N LEU A 60 -10.36 -22.54 -6.20
CA LEU A 60 -9.53 -22.70 -5.00
C LEU A 60 -9.89 -21.69 -3.92
N ASP A 61 -9.39 -21.95 -2.71
CA ASP A 61 -9.45 -20.98 -1.61
C ASP A 61 -8.77 -19.67 -1.96
N LYS A 62 -9.25 -18.58 -1.35
CA LYS A 62 -8.63 -17.25 -1.43
C LYS A 62 -7.16 -17.31 -1.00
N ILE A 63 -6.91 -17.96 0.13
CA ILE A 63 -5.57 -18.20 0.67
C ILE A 63 -4.72 -19.00 -0.33
N THR A 64 -5.31 -20.03 -0.93
CA THR A 64 -4.63 -20.87 -1.91
C THR A 64 -4.21 -20.09 -3.17
N TRP A 65 -5.11 -19.24 -3.67
CA TRP A 65 -4.81 -18.42 -4.84
C TRP A 65 -3.74 -17.36 -4.55
N LEU A 66 -3.96 -16.58 -3.50
CA LEU A 66 -3.20 -15.35 -3.26
C LEU A 66 -1.97 -15.54 -2.38
N GLY A 67 -2.04 -16.48 -1.44
CA GLY A 67 -0.94 -16.76 -0.51
C GLY A 67 -0.60 -15.56 0.35
N GLU A 68 0.69 -15.21 0.36
CA GLU A 68 1.18 -14.03 1.11
C GLU A 68 0.71 -12.69 0.53
N THR A 69 0.31 -12.69 -0.73
CA THR A 69 -0.15 -11.46 -1.42
C THR A 69 -1.59 -11.07 -1.07
N LEU A 70 -2.25 -11.86 -0.21
CA LEU A 70 -3.68 -11.70 0.13
C LEU A 70 -4.11 -10.30 0.55
N GLN A 71 -3.54 -9.78 1.64
CA GLN A 71 -3.90 -8.47 2.20
C GLN A 71 -3.67 -7.34 1.19
N ALA A 72 -2.54 -7.40 0.50
CA ALA A 72 -2.13 -6.41 -0.50
C ALA A 72 -3.02 -6.43 -1.74
N THR A 73 -3.44 -7.63 -2.16
CA THR A 73 -4.36 -7.82 -3.27
C THR A 73 -5.73 -7.18 -2.95
N GLU A 74 -6.22 -7.44 -1.75
CA GLU A 74 -7.52 -6.95 -1.31
C GLU A 74 -7.51 -5.43 -1.09
N LEU A 75 -6.37 -4.88 -0.69
CA LEU A 75 -6.21 -3.43 -0.54
C LEU A 75 -6.19 -2.72 -1.89
N VAL A 76 -5.42 -3.26 -2.84
CA VAL A 76 -5.32 -2.68 -4.18
C VAL A 76 -6.68 -2.72 -4.87
N LEU A 77 -7.33 -3.88 -4.88
CA LEU A 77 -8.67 -4.04 -5.45
C LEU A 77 -9.69 -3.10 -4.79
N LYS A 78 -9.48 -2.79 -3.52
CA LYS A 78 -10.32 -1.82 -2.80
C LYS A 78 -10.06 -0.38 -3.24
N MET A 79 -8.79 0.03 -3.23
CA MET A 79 -8.39 1.39 -3.59
C MET A 79 -8.78 1.76 -5.01
N LEU A 80 -8.48 0.86 -5.96
CA LEU A 80 -8.77 1.09 -7.37
C LEU A 80 -10.26 1.01 -7.69
N TYR A 81 -11.00 0.16 -6.95
CA TYR A 81 -12.41 -0.08 -7.23
C TYR A 81 -13.29 -0.02 -5.96
N PRO A 82 -13.43 1.18 -5.34
CA PRO A 82 -14.19 1.30 -4.08
C PRO A 82 -15.70 1.08 -4.23
N GLN A 83 -16.18 1.11 -5.48
CA GLN A 83 -17.60 0.89 -5.79
C GLN A 83 -18.01 -0.58 -5.71
N LEU A 84 -17.14 -1.49 -6.13
CA LEU A 84 -17.47 -2.91 -6.32
C LEU A 84 -17.50 -3.71 -5.02
N GLU A 85 -18.56 -4.49 -4.86
CA GLU A 85 -18.67 -5.46 -3.78
C GLU A 85 -18.12 -6.80 -4.26
N GLN A 86 -17.91 -7.72 -3.32
CA GLN A 86 -17.41 -9.08 -3.55
C GLN A 86 -17.73 -9.70 -4.91
N LYS A 87 -19.00 -9.61 -5.30
CA LYS A 87 -19.54 -10.10 -6.56
C LYS A 87 -18.68 -9.72 -7.78
N ALA A 88 -18.47 -8.41 -7.97
CA ALA A 88 -17.67 -7.91 -9.08
C ALA A 88 -16.19 -7.74 -8.73
N LEU A 89 -15.84 -7.98 -7.47
CA LEU A 89 -14.45 -7.92 -7.01
C LEU A 89 -13.60 -9.05 -7.57
N ILE A 90 -14.13 -10.28 -7.56
CA ILE A 90 -13.48 -11.42 -8.22
C ILE A 90 -13.28 -11.16 -9.70
N LYS A 91 -14.24 -10.48 -10.31
CA LYS A 91 -14.19 -10.09 -11.73
C LYS A 91 -13.09 -9.06 -11.99
N ALA A 92 -12.90 -8.14 -11.04
CA ALA A 92 -11.82 -7.15 -11.10
C ALA A 92 -10.45 -7.82 -10.97
N TRP A 93 -10.35 -8.79 -10.05
CA TRP A 93 -9.14 -9.57 -9.86
C TRP A 93 -8.82 -10.42 -11.09
N ALA A 94 -9.84 -11.07 -11.66
CA ALA A 94 -9.72 -11.92 -12.84
C ALA A 94 -9.25 -11.15 -14.07
N ALA A 95 -9.71 -9.90 -14.19
CA ALA A 95 -9.33 -9.02 -15.30
C ALA A 95 -7.86 -8.63 -15.24
N HIS A 96 -7.34 -8.39 -14.04
CA HIS A 96 -5.92 -8.10 -13.87
C HIS A 96 -5.06 -9.35 -14.13
N VAL A 97 -5.54 -10.50 -13.69
CA VAL A 97 -4.85 -11.76 -13.94
C VAL A 97 -4.75 -12.06 -15.45
N GLU A 98 -5.85 -11.84 -16.17
CA GLU A 98 -5.89 -11.99 -17.63
C GLU A 98 -4.95 -11.02 -18.34
N ASP A 99 -5.02 -9.74 -17.96
CA ASP A 99 -4.16 -8.69 -18.52
C ASP A 99 -2.68 -8.95 -18.23
N GLY A 100 -2.38 -9.34 -17.00
CA GLY A 100 -1.02 -9.60 -16.55
C GLY A 100 -0.37 -10.80 -17.21
N ILE A 101 -1.11 -11.90 -17.31
CA ILE A 101 -0.60 -13.11 -17.97
C ILE A 101 -0.36 -12.87 -19.46
N ALA A 102 -1.19 -12.03 -20.09
CA ALA A 102 -0.95 -11.57 -21.46
C ALA A 102 0.37 -10.82 -21.54
N ALA A 103 0.59 -9.93 -20.57
CA ALA A 103 1.80 -9.12 -20.48
C ALA A 103 3.05 -9.95 -20.17
N LEU A 104 2.90 -11.05 -19.44
CA LEU A 104 4.02 -11.90 -19.07
C LEU A 104 4.48 -12.89 -20.16
N ARG A 105 3.79 -12.89 -21.30
CA ARG A 105 4.09 -13.78 -22.43
C ARG A 105 3.44 -13.29 -23.73
N MET B 1 7.21 12.56 -8.26
CA MET B 1 6.42 12.82 -9.49
C MET B 1 5.55 14.07 -9.39
N LEU B 2 5.18 14.44 -8.16
CA LEU B 2 4.56 15.73 -7.90
C LEU B 2 5.62 16.83 -7.99
N PRO B 3 5.23 18.06 -8.39
CA PRO B 3 6.19 19.15 -8.45
C PRO B 3 6.65 19.57 -7.06
N ASN B 4 7.85 20.15 -6.97
CA ASN B 4 8.42 20.55 -5.69
C ASN B 4 7.66 21.68 -4.98
N ARG B 5 7.12 22.62 -5.75
CA ARG B 5 6.25 23.67 -5.21
C ARG B 5 4.80 23.49 -5.70
N MET B 6 3.84 23.61 -4.78
CA MET B 6 2.42 23.45 -5.11
C MET B 6 1.48 24.31 -4.25
N ALA B 7 0.33 24.67 -4.82
CA ALA B 7 -0.69 25.48 -4.16
C ALA B 7 -2.10 24.96 -4.46
N LEU B 8 -3.02 25.20 -3.52
CA LEU B 8 -4.43 24.87 -3.71
C LEU B 8 -5.20 26.05 -4.31
N SER B 9 -6.52 25.93 -4.39
CA SER B 9 -7.36 27.06 -4.79
C SER B 9 -7.77 27.88 -3.57
N ARG B 10 -8.11 29.16 -3.83
CA ARG B 10 -8.51 30.14 -2.81
C ARG B 10 -9.60 29.64 -1.85
N GLN B 11 -10.57 28.90 -2.41
CA GLN B 11 -11.68 28.34 -1.64
C GLN B 11 -11.24 27.20 -0.71
N THR B 12 -10.50 26.23 -1.26
CA THR B 12 -10.02 25.06 -0.52
C THR B 12 -9.14 25.50 0.65
N GLU B 13 -8.24 26.43 0.35
CA GLU B 13 -7.38 27.07 1.32
C GLU B 13 -8.18 27.76 2.43
N ASP B 14 -9.24 28.49 2.04
CA ASP B 14 -10.18 29.12 2.99
C ASP B 14 -10.86 28.11 3.91
N GLN B 15 -11.27 26.98 3.34
CA GLN B 15 -11.91 25.90 4.09
C GLN B 15 -10.95 25.23 5.06
N LEU B 16 -9.70 25.04 4.62
CA LEU B 16 -8.62 24.52 5.43
C LEU B 16 -8.33 25.41 6.63
N LYS B 17 -8.26 26.72 6.37
CA LYS B 17 -8.01 27.73 7.40
C LYS B 17 -9.13 27.80 8.44
N LYS B 18 -10.36 27.54 8.01
CA LYS B 18 -11.50 27.48 8.92
C LYS B 18 -11.40 26.29 9.90
N LEU B 19 -10.84 25.17 9.42
CA LEU B 19 -10.57 24.01 10.27
C LEU B 19 -9.33 24.28 11.13
N LYS B 20 -9.55 24.93 12.27
CA LYS B 20 -8.47 25.34 13.17
C LYS B 20 -8.29 24.47 14.40
N LYS B 21 -9.36 23.84 14.87
CA LYS B 21 -9.32 23.06 16.11
C LYS B 21 -9.59 21.57 15.92
N TYR B 22 -9.41 20.82 17.01
CA TYR B 22 -9.49 19.34 17.04
C TYR B 22 -8.41 18.67 16.21
N LYS B 24 -5.85 24.16 17.04
CA LYS B 24 -4.39 24.12 16.99
C LYS B 24 -3.87 23.46 15.70
N ILE B 25 -4.73 23.44 14.68
CA ILE B 25 -4.42 22.81 13.38
C ILE B 25 -3.86 23.83 12.37
N THR B 26 -2.78 23.42 11.71
CA THR B 26 -2.17 24.18 10.61
C THR B 26 -2.73 23.66 9.27
N PRO B 27 -2.92 24.57 8.27
CA PRO B 27 -3.52 24.25 6.96
C PRO B 27 -2.94 23.01 6.26
N ASN B 28 -1.62 22.86 6.27
CA ASN B 28 -0.94 21.72 5.64
C ASN B 28 -1.23 20.38 6.32
N ILE B 29 -1.30 20.40 7.65
CA ILE B 29 -1.76 19.24 8.44
C ILE B 29 -3.20 18.92 8.06
N ALA B 30 -4.05 19.94 8.00
CA ALA B 30 -5.43 19.82 7.55
C ALA B 30 -5.54 19.25 6.14
N ALA B 31 -4.61 19.63 5.26
CA ALA B 31 -4.53 19.10 3.90
C ALA B 31 -4.19 17.62 3.85
N ARG B 32 -3.35 17.18 4.79
CA ARG B 32 -3.01 15.76 4.93
C ARG B 32 -4.22 14.96 5.39
N LEU B 33 -4.96 15.53 6.34
CA LEU B 33 -6.19 14.94 6.88
C LEU B 33 -7.31 14.89 5.84
N ALA B 34 -7.44 15.98 5.06
CA ALA B 34 -8.46 16.11 4.02
C ALA B 34 -8.22 15.20 2.81
N PHE B 35 -6.97 15.12 2.37
CA PHE B 35 -6.60 14.19 1.30
C PHE B 35 -6.97 12.77 1.69
N PHE B 36 -6.59 12.37 2.91
CA PHE B 36 -6.87 11.02 3.39
C PHE B 36 -8.33 10.72 3.67
N ARG B 37 -9.08 11.73 4.16
CA ARG B 37 -10.51 11.59 4.39
C ARG B 37 -11.26 11.39 3.08
N SER B 38 -10.77 12.04 2.02
CA SER B 38 -11.33 11.92 0.67
C SER B 38 -10.96 10.60 0.00
N VAL B 39 -9.68 10.22 0.12
CA VAL B 39 -9.15 8.99 -0.49
C VAL B 39 -9.77 7.75 0.14
N GLU B 40 -9.93 7.80 1.47
CA GLU B 40 -10.64 6.77 2.23
C GLU B 40 -12.13 6.71 1.85
N SER B 41 -12.68 7.81 1.35
CA SER B 41 -14.04 7.82 0.79
C SER B 41 -14.06 7.24 -0.64
N GLU B 42 -15.19 7.39 -1.32
CA GLU B 42 -15.36 6.87 -2.68
C GLU B 42 -15.06 7.90 -3.78
N PHE B 43 -14.72 9.13 -3.37
CA PHE B 43 -14.50 10.24 -4.29
C PHE B 43 -13.28 10.06 -5.19
N ARG B 44 -13.47 10.29 -6.49
CA ARG B 44 -12.38 10.26 -7.49
C ARG B 44 -12.41 11.48 -8.39
N TYR B 45 -11.22 11.96 -8.77
CA TYR B 45 -11.05 13.18 -9.56
C TYR B 45 -11.54 13.03 -11.00
N SER B 46 -12.23 14.08 -11.47
CA SER B 46 -12.68 14.19 -12.85
C SER B 46 -12.43 15.61 -13.38
N PRO B 47 -11.52 15.76 -14.36
CA PRO B 47 -11.26 17.08 -14.96
C PRO B 47 -12.42 17.56 -15.85
N ASP B 55 -5.58 29.20 -7.39
CA ASP B 55 -5.25 30.60 -7.12
C ASP B 55 -5.08 30.89 -5.62
N GLY B 56 -4.71 29.85 -4.87
CA GLY B 56 -4.45 29.97 -3.44
C GLY B 56 -3.16 30.73 -3.16
N THR B 57 -3.14 31.45 -2.04
CA THR B 57 -2.01 32.29 -1.67
C THR B 57 -0.80 31.49 -1.19
N LEU B 58 -1.07 30.35 -0.55
CA LEU B 58 -0.02 29.52 0.05
C LEU B 58 0.61 28.56 -0.96
N VAL B 59 1.76 28.96 -1.49
CA VAL B 59 2.60 28.11 -2.33
C VAL B 59 3.71 27.57 -1.42
N LEU B 60 3.76 26.25 -1.29
CA LEU B 60 4.68 25.60 -0.35
C LEU B 60 5.41 24.41 -0.96
N ASP B 61 6.53 24.04 -0.35
CA ASP B 61 7.28 22.85 -0.71
C ASP B 61 6.43 21.59 -0.51
N LYS B 62 6.64 20.62 -1.39
CA LYS B 62 6.05 19.28 -1.35
C LYS B 62 6.18 18.65 0.03
N ILE B 63 7.36 18.82 0.63
CA ILE B 63 7.69 18.36 1.98
C ILE B 63 6.88 19.10 3.05
N THR B 64 6.66 20.41 2.84
CA THR B 64 5.90 21.24 3.78
C THR B 64 4.44 20.80 3.83
N TRP B 65 3.84 20.58 2.66
CA TRP B 65 2.47 20.12 2.55
C TRP B 65 2.24 18.74 3.15
N LEU B 66 3.05 17.78 2.70
CA LEU B 66 2.76 16.37 2.92
C LEU B 66 3.50 15.75 4.11
N GLY B 67 4.74 16.18 4.33
CA GLY B 67 5.55 15.69 5.45
C GLY B 67 5.84 14.21 5.37
N GLU B 68 5.35 13.48 6.38
CA GLU B 68 5.48 12.02 6.43
C GLU B 68 4.52 11.34 5.44
N THR B 69 3.46 12.06 5.05
CA THR B 69 2.44 11.54 4.12
C THR B 69 2.89 11.60 2.65
N LEU B 70 4.10 12.13 2.41
CA LEU B 70 4.65 12.35 1.07
C LEU B 70 4.58 11.14 0.12
N GLN B 71 5.29 10.08 0.49
CA GLN B 71 5.38 8.86 -0.32
C GLN B 71 4.04 8.12 -0.40
N ALA B 72 3.26 8.18 0.69
CA ALA B 72 1.93 7.59 0.73
C ALA B 72 0.99 8.30 -0.26
N THR B 73 1.02 9.64 -0.24
CA THR B 73 0.20 10.48 -1.13
C THR B 73 0.48 10.18 -2.60
N GLU B 74 1.76 10.08 -2.93
CA GLU B 74 2.19 9.88 -4.31
C GLU B 74 1.92 8.47 -4.83
N LEU B 75 2.05 7.47 -3.95
CA LEU B 75 1.69 6.10 -4.30
C LEU B 75 0.19 5.97 -4.54
N VAL B 76 -0.60 6.61 -3.67
CA VAL B 76 -2.06 6.61 -3.80
C VAL B 76 -2.49 7.24 -5.13
N LEU B 77 -1.95 8.42 -5.42
CA LEU B 77 -2.22 9.13 -6.66
C LEU B 77 -1.75 8.35 -7.89
N LYS B 78 -0.65 7.62 -7.74
CA LYS B 78 -0.10 6.79 -8.81
C LYS B 78 -1.02 5.62 -9.12
N MET B 79 -1.52 4.98 -8.06
CA MET B 79 -2.45 3.86 -8.16
C MET B 79 -3.79 4.30 -8.74
N LEU B 80 -4.35 5.39 -8.21
CA LEU B 80 -5.65 5.89 -8.67
C LEU B 80 -5.63 6.53 -10.05
N TYR B 81 -4.52 7.20 -10.38
CA TYR B 81 -4.40 7.94 -11.65
C TYR B 81 -3.08 7.67 -12.39
N PRO B 82 -2.90 6.44 -12.93
CA PRO B 82 -1.67 6.16 -13.66
C PRO B 82 -1.66 6.80 -15.05
N LYS B 87 2.58 16.91 -13.21
CA LYS B 87 1.52 16.49 -14.12
C LYS B 87 0.22 17.27 -13.82
N ALA B 88 -0.93 16.69 -14.16
CA ALA B 88 -2.24 17.18 -13.75
C ALA B 88 -2.59 16.59 -12.38
N LEU B 89 -1.60 15.91 -11.79
CA LEU B 89 -1.68 15.30 -10.46
C LEU B 89 -2.01 16.29 -9.37
N ILE B 90 -1.45 17.51 -9.50
CA ILE B 90 -1.70 18.62 -8.56
C ILE B 90 -3.18 18.96 -8.51
N LYS B 91 -3.84 18.90 -9.66
CA LYS B 91 -5.28 19.15 -9.77
C LYS B 91 -6.06 18.04 -9.08
N ALA B 92 -5.53 16.81 -9.13
CA ALA B 92 -6.11 15.66 -8.43
C ALA B 92 -5.93 15.74 -6.91
N TRP B 93 -4.72 16.11 -6.47
CA TRP B 93 -4.43 16.31 -5.05
C TRP B 93 -5.33 17.42 -4.48
N ALA B 94 -5.38 18.56 -5.17
CA ALA B 94 -6.21 19.70 -4.78
C ALA B 94 -7.70 19.36 -4.73
N ALA B 95 -8.15 18.53 -5.67
CA ALA B 95 -9.55 18.06 -5.71
C ALA B 95 -9.89 17.12 -4.55
N HIS B 96 -8.91 16.30 -4.15
CA HIS B 96 -9.08 15.42 -3.00
C HIS B 96 -9.03 16.19 -1.68
N VAL B 97 -8.16 17.19 -1.62
CA VAL B 97 -8.11 18.08 -0.45
C VAL B 97 -9.43 18.85 -0.34
N GLU B 98 -9.93 19.27 -1.51
CA GLU B 98 -11.24 19.93 -1.67
C GLU B 98 -12.40 19.07 -1.13
N ASP B 99 -12.44 17.80 -1.57
CA ASP B 99 -13.48 16.86 -1.15
C ASP B 99 -13.43 16.55 0.35
N GLY B 100 -12.22 16.31 0.86
CA GLY B 100 -12.01 15.92 2.25
C GLY B 100 -12.28 16.99 3.30
N ILE B 101 -11.92 18.23 2.99
CA ILE B 101 -12.10 19.34 3.94
C ILE B 101 -13.58 19.66 4.23
N ALA B 102 -14.44 19.44 3.25
CA ALA B 102 -15.89 19.60 3.40
C ALA B 102 -16.45 18.63 4.46
N ALA B 103 -16.19 17.34 4.28
CA ALA B 103 -16.60 16.30 5.23
C ALA B 103 -15.85 16.43 6.57
N LEU C 2 17.39 5.48 -1.62
CA LEU C 2 16.79 6.20 -2.78
C LEU C 2 17.78 6.62 -3.91
N PRO C 3 18.89 5.86 -4.15
CA PRO C 3 19.81 6.38 -5.17
C PRO C 3 19.29 6.26 -6.60
N ASN C 4 19.73 7.18 -7.46
CA ASN C 4 19.27 7.30 -8.86
C ASN C 4 19.68 6.10 -9.71
N ARG C 5 20.88 5.59 -9.46
CA ARG C 5 21.40 4.39 -10.09
C ARG C 5 21.60 3.31 -9.04
N MET C 6 21.28 2.07 -9.39
CA MET C 6 21.50 0.93 -8.49
C MET C 6 21.81 -0.40 -9.20
N ALA C 7 22.43 -1.30 -8.43
CA ALA C 7 22.82 -2.62 -8.89
C ALA C 7 22.59 -3.64 -7.77
N LEU C 8 22.43 -4.90 -8.17
CA LEU C 8 22.39 -6.02 -7.24
C LEU C 8 23.83 -6.50 -6.99
N SER C 9 23.98 -7.54 -6.18
CA SER C 9 25.28 -8.19 -6.03
C SER C 9 25.49 -9.21 -7.16
N ARG C 10 26.76 -9.48 -7.46
CA ARG C 10 27.18 -10.49 -8.44
C ARG C 10 26.51 -11.84 -8.17
N GLN C 11 26.40 -12.17 -6.88
CA GLN C 11 25.76 -13.38 -6.37
C GLN C 11 24.25 -13.44 -6.67
N THR C 12 23.56 -12.33 -6.41
CA THR C 12 22.12 -12.20 -6.65
C THR C 12 21.80 -12.30 -8.14
N GLU C 13 22.67 -11.71 -8.96
CA GLU C 13 22.57 -11.80 -10.42
C GLU C 13 22.77 -13.23 -10.93
N ASP C 14 23.66 -13.97 -10.26
CA ASP C 14 23.87 -15.39 -10.54
C ASP C 14 22.62 -16.21 -10.21
N GLN C 15 21.96 -15.86 -9.09
CA GLN C 15 20.71 -16.49 -8.67
C GLN C 15 19.58 -16.23 -9.66
N LEU C 16 19.54 -15.00 -10.19
CA LEU C 16 18.58 -14.61 -11.22
C LEU C 16 18.75 -15.47 -12.47
N LYS C 17 20.01 -15.73 -12.82
CA LYS C 17 20.37 -16.61 -13.93
C LYS C 17 19.88 -18.05 -13.69
N LYS C 18 20.00 -18.53 -12.45
CA LYS C 18 19.52 -19.87 -12.07
C LYS C 18 18.00 -19.99 -12.01
N LEU C 19 17.34 -18.87 -11.72
CA LEU C 19 15.87 -18.77 -11.76
C LEU C 19 15.32 -18.82 -13.20
N LYS C 20 16.16 -18.37 -14.15
CA LYS C 20 15.81 -18.13 -15.57
C LYS C 20 15.11 -16.79 -15.74
N ILE C 25 10.12 -12.60 -16.89
CA ILE C 25 11.31 -13.16 -17.53
C ILE C 25 12.49 -12.18 -17.56
N THR C 26 12.20 -10.89 -17.67
CA THR C 26 13.24 -9.86 -17.81
C THR C 26 13.70 -9.35 -16.43
N PRO C 27 15.02 -9.14 -16.26
CA PRO C 27 15.67 -8.85 -14.96
C PRO C 27 14.94 -7.86 -14.04
N ASN C 28 14.52 -6.72 -14.58
CA ASN C 28 13.89 -5.66 -13.78
C ASN C 28 12.50 -5.99 -13.23
N ILE C 29 11.64 -6.55 -14.08
CA ILE C 29 10.32 -7.04 -13.65
C ILE C 29 10.49 -8.16 -12.63
N ALA C 30 11.40 -9.08 -12.93
CA ALA C 30 11.78 -10.17 -12.04
C ALA C 30 12.22 -9.65 -10.66
N ALA C 31 12.97 -8.56 -10.66
CA ALA C 31 13.42 -7.88 -9.45
C ALA C 31 12.26 -7.31 -8.63
N ARG C 32 11.25 -6.78 -9.32
CA ARG C 32 10.06 -6.21 -8.69
C ARG C 32 9.22 -7.31 -8.07
N LEU C 33 9.00 -8.39 -8.82
CA LEU C 33 8.25 -9.55 -8.35
C LEU C 33 8.92 -10.20 -7.16
N ALA C 34 10.25 -10.32 -7.21
CA ALA C 34 11.05 -10.90 -6.13
C ALA C 34 11.01 -10.03 -4.88
N PHE C 35 11.15 -8.72 -5.05
CA PHE C 35 11.09 -7.75 -3.93
C PHE C 35 9.77 -7.86 -3.15
N PHE C 36 8.65 -7.74 -3.86
CA PHE C 36 7.33 -7.75 -3.22
C PHE C 36 6.93 -9.11 -2.66
N ARG C 37 7.44 -10.18 -3.28
CA ARG C 37 7.34 -11.54 -2.75
C ARG C 37 8.04 -11.64 -1.39
N SER C 38 9.23 -11.06 -1.31
CA SER C 38 10.05 -11.07 -0.10
C SER C 38 9.49 -10.20 1.02
N VAL C 39 8.99 -9.03 0.64
CA VAL C 39 8.55 -8.03 1.62
C VAL C 39 7.20 -8.38 2.26
N GLU C 40 6.42 -9.22 1.57
CA GLU C 40 5.17 -9.74 2.10
C GLU C 40 5.39 -11.00 2.95
N SER C 41 6.63 -11.50 2.95
CA SER C 41 7.03 -12.61 3.81
C SER C 41 7.52 -12.09 5.17
N GLU C 42 8.20 -12.97 5.92
CA GLU C 42 8.72 -12.63 7.24
C GLU C 42 10.16 -12.12 7.21
N PHE C 43 10.79 -12.16 6.04
CA PHE C 43 12.17 -11.70 5.86
C PHE C 43 12.29 -10.19 6.03
N ARG C 44 13.26 -9.78 6.83
CA ARG C 44 13.59 -8.37 7.02
C ARG C 44 15.09 -8.16 6.93
N TYR C 45 15.50 -7.07 6.28
CA TYR C 45 16.92 -6.72 6.11
C TYR C 45 17.66 -6.55 7.43
N SER C 46 18.87 -7.10 7.51
CA SER C 46 19.73 -6.98 8.68
C SER C 46 21.20 -6.78 8.28
N PRO C 47 21.79 -5.63 8.68
CA PRO C 47 23.22 -5.37 8.44
C PRO C 47 24.12 -6.26 9.30
N LYS C 52 26.41 -8.56 0.10
CA LYS C 52 25.91 -7.30 0.63
C LYS C 52 26.50 -6.09 -0.10
N LYS C 53 27.77 -6.19 -0.50
CA LYS C 53 28.41 -5.19 -1.36
C LYS C 53 27.94 -5.41 -2.79
N LEU C 54 27.41 -4.35 -3.40
CA LEU C 54 26.64 -4.45 -4.64
C LEU C 54 27.49 -4.36 -5.90
N ASP C 55 28.20 -5.46 -6.18
CA ASP C 55 29.15 -5.54 -7.29
C ASP C 55 28.57 -6.15 -8.56
N GLY C 56 27.32 -5.82 -8.86
CA GLY C 56 26.64 -6.34 -10.04
C GLY C 56 27.10 -5.70 -11.33
N THR C 57 27.08 -6.48 -12.40
CA THR C 57 27.44 -6.02 -13.75
C THR C 57 26.37 -5.08 -14.28
N LEU C 58 25.10 -5.39 -13.99
CA LEU C 58 23.97 -4.61 -14.45
C LEU C 58 23.65 -3.45 -13.49
N VAL C 59 24.11 -2.27 -13.87
CA VAL C 59 23.79 -1.02 -13.18
C VAL C 59 22.71 -0.32 -14.01
N LEU C 60 21.60 0.01 -13.37
CA LEU C 60 20.49 0.65 -14.07
C LEU C 60 19.91 1.82 -13.28
N ASP C 61 19.13 2.65 -13.96
CA ASP C 61 18.34 3.71 -13.33
C ASP C 61 17.38 3.08 -12.34
N LYS C 62 17.11 3.81 -11.26
CA LYS C 62 16.03 3.51 -10.32
C LYS C 62 14.70 3.34 -11.06
N ILE C 63 14.42 4.24 -12.01
CA ILE C 63 13.26 4.19 -12.90
C ILE C 63 13.20 2.89 -13.72
N THR C 64 14.35 2.49 -14.26
CA THR C 64 14.47 1.26 -15.06
C THR C 64 14.18 0.01 -14.22
N TRP C 65 14.75 -0.03 -13.01
CA TRP C 65 14.57 -1.15 -12.08
C TRP C 65 13.12 -1.29 -11.61
N LEU C 66 12.57 -0.18 -11.10
CA LEU C 66 11.31 -0.22 -10.36
C LEU C 66 10.09 0.10 -11.22
N GLY C 67 10.28 0.98 -12.20
CA GLY C 67 9.20 1.40 -13.10
C GLY C 67 8.07 2.05 -12.32
N GLU C 68 6.88 1.46 -12.44
CA GLU C 68 5.70 1.95 -11.75
C GLU C 68 5.66 1.51 -10.29
N THR C 69 6.49 0.53 -9.93
CA THR C 69 6.58 0.05 -8.55
C THR C 69 7.45 0.97 -7.66
N LEU C 70 7.96 2.04 -8.25
CA LEU C 70 8.88 2.97 -7.58
C LEU C 70 8.36 3.52 -6.25
N GLN C 71 7.19 4.15 -6.30
CA GLN C 71 6.56 4.75 -5.12
C GLN C 71 6.19 3.74 -4.05
N ALA C 72 5.70 2.57 -4.47
CA ALA C 72 5.38 1.47 -3.57
C ALA C 72 6.64 0.93 -2.89
N THR C 73 7.71 0.76 -3.67
CA THR C 73 8.99 0.25 -3.18
C THR C 73 9.57 1.17 -2.10
N GLU C 74 9.62 2.47 -2.39
CA GLU C 74 10.17 3.44 -1.45
C GLU C 74 9.29 3.65 -0.22
N LEU C 75 7.98 3.49 -0.39
CA LEU C 75 7.01 3.55 0.72
C LEU C 75 7.24 2.40 1.70
N VAL C 76 7.32 1.19 1.16
CA VAL C 76 7.53 -0.03 1.95
C VAL C 76 8.89 0.02 2.68
N LEU C 77 9.93 0.46 1.96
CA LEU C 77 11.28 0.64 2.54
C LEU C 77 11.31 1.67 3.67
N LYS C 78 10.59 2.77 3.48
CA LYS C 78 10.43 3.81 4.50
C LYS C 78 9.70 3.26 5.72
N MET C 79 8.61 2.53 5.49
CA MET C 79 7.81 1.94 6.56
C MET C 79 8.60 0.92 7.37
N LEU C 80 9.25 -0.01 6.68
CA LEU C 80 9.98 -1.09 7.34
C LEU C 80 11.31 -0.67 7.92
N TYR C 81 11.91 0.38 7.35
CA TYR C 81 13.21 0.88 7.83
C TYR C 81 13.28 2.42 7.90
N PRO C 82 12.42 3.04 8.76
CA PRO C 82 12.32 4.51 8.81
C PRO C 82 13.57 5.24 9.32
N GLN C 83 14.52 4.48 9.85
CA GLN C 83 15.77 5.01 10.39
C GLN C 83 16.84 5.26 9.30
N LEU C 84 16.82 4.44 8.25
CA LEU C 84 17.88 4.41 7.23
C LEU C 84 17.81 5.58 6.25
N GLU C 85 18.99 6.10 5.89
CA GLU C 85 19.15 7.01 4.76
C GLU C 85 19.56 6.17 3.54
N GLN C 86 19.48 6.76 2.35
CA GLN C 86 19.65 6.04 1.06
C GLN C 86 20.76 4.98 0.98
N LYS C 87 21.91 5.29 1.58
CA LYS C 87 23.12 4.46 1.55
C LYS C 87 22.83 3.00 1.90
N ALA C 88 22.10 2.79 3.00
CA ALA C 88 21.70 1.45 3.43
C ALA C 88 20.35 1.03 2.86
N LEU C 89 19.63 1.96 2.23
CA LEU C 89 18.34 1.65 1.60
C LEU C 89 18.50 0.79 0.35
N ILE C 90 19.56 1.05 -0.42
CA ILE C 90 19.94 0.22 -1.58
C ILE C 90 20.19 -1.21 -1.12
N LYS C 91 20.88 -1.33 0.01
CA LYS C 91 21.24 -2.62 0.61
C LYS C 91 20.01 -3.38 1.08
N ALA C 92 19.05 -2.66 1.67
CA ALA C 92 17.77 -3.22 2.10
C ALA C 92 16.96 -3.75 0.91
N TRP C 93 16.91 -2.95 -0.16
CA TRP C 93 16.24 -3.32 -1.41
C TRP C 93 16.89 -4.56 -2.04
N ALA C 94 18.22 -4.57 -2.08
CA ALA C 94 18.99 -5.67 -2.66
C ALA C 94 18.82 -6.98 -1.88
N ALA C 95 18.72 -6.86 -0.55
CA ALA C 95 18.48 -8.01 0.31
C ALA C 95 17.09 -8.59 0.09
N HIS C 96 16.10 -7.72 -0.07
CA HIS C 96 14.74 -8.16 -0.35
C HIS C 96 14.62 -8.80 -1.73
N VAL C 97 15.33 -8.26 -2.72
CA VAL C 97 15.35 -8.85 -4.06
C VAL C 97 16.02 -10.23 -4.03
N GLU C 98 17.16 -10.32 -3.35
CA GLU C 98 17.90 -11.58 -3.19
C GLU C 98 17.09 -12.67 -2.49
N ASP C 99 16.47 -12.30 -1.37
CA ASP C 99 15.59 -13.18 -0.60
C ASP C 99 14.40 -13.62 -1.44
N GLY C 100 13.87 -12.68 -2.22
CA GLY C 100 12.74 -12.92 -3.11
C GLY C 100 13.01 -13.97 -4.15
N ILE C 101 14.14 -13.85 -4.83
CA ILE C 101 14.57 -14.84 -5.83
C ILE C 101 14.72 -16.20 -5.16
N ALA C 102 15.32 -16.23 -3.97
CA ALA C 102 15.48 -17.45 -3.19
C ALA C 102 14.14 -18.13 -2.88
N ALA C 103 13.13 -17.31 -2.54
CA ALA C 103 11.77 -17.77 -2.26
C ALA C 103 11.07 -18.30 -3.50
N LEU C 104 11.26 -17.60 -4.61
CA LEU C 104 10.65 -17.97 -5.89
C LEU C 104 11.28 -19.25 -6.45
N ARG C 105 12.57 -19.42 -6.23
CA ARG C 105 13.31 -20.60 -6.63
C ARG C 105 12.91 -21.84 -5.85
N ASN C 106 12.56 -21.64 -4.58
CA ASN C 106 12.27 -22.74 -3.66
C ASN C 106 10.80 -22.88 -3.25
N HIS C 107 9.92 -22.13 -3.93
CA HIS C 107 8.47 -22.20 -3.72
C HIS C 107 8.03 -22.05 -2.27
N MET D 1 -5.44 -10.16 11.15
CA MET D 1 -6.82 -9.75 11.51
C MET D 1 -6.90 -9.13 12.91
N LEU D 2 -7.61 -8.01 13.00
CA LEU D 2 -7.96 -7.37 14.28
C LEU D 2 -9.30 -7.92 14.78
N PRO D 3 -9.59 -7.80 16.11
CA PRO D 3 -10.88 -8.28 16.64
C PRO D 3 -12.07 -7.43 16.19
N ASN D 4 -13.26 -8.02 16.26
CA ASN D 4 -14.51 -7.37 15.82
C ASN D 4 -14.88 -6.10 16.58
N ARG D 5 -14.69 -6.11 17.89
CA ARG D 5 -14.87 -4.92 18.74
C ARG D 5 -13.58 -4.61 19.50
N MET D 6 -13.29 -3.31 19.64
CA MET D 6 -12.06 -2.88 20.32
C MET D 6 -12.17 -1.54 21.04
N ALA D 7 -11.29 -1.34 22.01
CA ALA D 7 -11.19 -0.08 22.75
C ALA D 7 -9.72 0.32 22.91
N LEU D 8 -9.49 1.61 23.10
CA LEU D 8 -8.18 2.16 23.39
C LEU D 8 -7.94 2.18 24.90
N SER D 9 -6.77 2.65 25.32
CA SER D 9 -6.48 2.82 26.76
C SER D 9 -7.12 4.10 27.27
N ARG D 10 -7.31 4.18 28.60
CA ARG D 10 -7.87 5.38 29.23
C ARG D 10 -6.97 6.62 29.04
N GLN D 11 -5.66 6.39 28.96
CA GLN D 11 -4.71 7.46 28.68
C GLN D 11 -4.85 7.99 27.25
N THR D 12 -5.02 7.08 26.29
CA THR D 12 -5.18 7.44 24.87
C THR D 12 -6.41 8.34 24.65
N GLU D 13 -7.52 8.01 25.31
CA GLU D 13 -8.72 8.84 25.28
C GLU D 13 -8.58 10.14 26.07
N ASP D 14 -7.69 10.15 27.07
CA ASP D 14 -7.34 11.37 27.79
C ASP D 14 -6.50 12.31 26.93
N GLN D 15 -5.59 11.72 26.15
CA GLN D 15 -4.76 12.45 25.17
C GLN D 15 -5.62 13.05 24.06
N LEU D 16 -6.66 12.32 23.66
CA LEU D 16 -7.65 12.81 22.71
C LEU D 16 -8.40 14.01 23.28
N LYS D 17 -8.76 13.93 24.56
CA LYS D 17 -9.40 15.02 25.30
C LYS D 17 -8.57 16.29 25.19
N LYS D 18 -7.26 16.15 25.36
CA LYS D 18 -6.30 17.26 25.31
C LYS D 18 -6.14 17.84 23.90
N LEU D 19 -6.33 16.99 22.89
CA LEU D 19 -6.15 17.37 21.48
C LEU D 19 -7.19 18.39 21.01
N ILE D 25 -14.53 17.01 15.16
CA ILE D 25 -13.94 15.69 14.92
C ILE D 25 -14.60 14.62 15.80
N THR D 26 -14.71 13.42 15.24
CA THR D 26 -15.20 12.26 15.99
C THR D 26 -14.02 11.34 16.31
N PRO D 27 -14.02 10.74 17.52
CA PRO D 27 -12.90 9.90 17.99
C PRO D 27 -12.41 8.84 17.01
N ASN D 28 -13.34 8.16 16.32
CA ASN D 28 -12.98 7.12 15.35
C ASN D 28 -12.17 7.61 14.15
N ILE D 29 -12.56 8.78 13.62
CA ILE D 29 -11.80 9.45 12.56
C ILE D 29 -10.43 9.86 13.11
N ALA D 30 -10.41 10.42 14.32
CA ALA D 30 -9.18 10.78 15.01
C ALA D 30 -8.26 9.57 15.19
N ALA D 31 -8.84 8.41 15.49
CA ALA D 31 -8.14 7.14 15.61
C ALA D 31 -7.52 6.67 14.27
N ARG D 32 -8.16 7.05 13.16
CA ARG D 32 -7.63 6.73 11.84
C ARG D 32 -6.43 7.62 11.51
N LEU D 33 -6.61 8.93 11.66
CA LEU D 33 -5.59 9.92 11.33
C LEU D 33 -4.36 9.85 12.25
N ALA D 34 -4.59 9.56 13.53
CA ALA D 34 -3.50 9.37 14.49
C ALA D 34 -2.73 8.08 14.24
N PHE D 35 -3.44 7.02 13.85
CA PHE D 35 -2.80 5.75 13.49
C PHE D 35 -1.77 5.95 12.37
N PHE D 36 -2.21 6.56 11.27
CA PHE D 36 -1.36 6.77 10.10
C PHE D 36 -0.23 7.78 10.33
N ARG D 37 -0.49 8.79 11.17
CA ARG D 37 0.55 9.73 11.59
C ARG D 37 1.69 9.00 12.32
N SER D 38 1.31 8.12 13.24
CA SER D 38 2.26 7.35 14.05
C SER D 38 3.04 6.33 13.25
N VAL D 39 2.37 5.64 12.33
CA VAL D 39 2.99 4.61 11.49
C VAL D 39 4.09 5.21 10.60
N GLU D 40 3.79 6.37 10.01
CA GLU D 40 4.72 7.09 9.16
C GLU D 40 5.92 7.68 9.90
N SER D 41 5.86 7.66 11.23
CA SER D 41 6.99 8.03 12.09
C SER D 41 7.91 6.82 12.31
N GLU D 42 8.83 6.95 13.27
CA GLU D 42 9.79 5.89 13.60
C GLU D 42 9.34 5.00 14.78
N PHE D 43 8.22 5.37 15.39
CA PHE D 43 7.68 4.66 16.56
C PHE D 43 7.19 3.26 16.22
N ARG D 44 7.55 2.28 17.05
CA ARG D 44 7.10 0.90 16.89
C ARG D 44 6.61 0.29 18.22
N TYR D 45 5.66 -0.63 18.12
CA TYR D 45 5.06 -1.30 19.28
C TYR D 45 6.06 -2.19 20.02
N SER D 46 6.01 -2.10 21.36
CA SER D 46 6.90 -2.86 22.24
C SER D 46 6.12 -3.50 23.38
N PRO D 47 6.12 -4.85 23.48
CA PRO D 47 5.47 -5.54 24.59
C PRO D 47 6.19 -5.32 25.93
N LYS D 52 -1.04 -1.33 28.59
CA LYS D 52 -1.40 -2.45 27.73
C LYS D 52 -2.86 -2.89 27.90
N LYS D 53 -3.41 -2.68 29.10
CA LYS D 53 -4.82 -2.93 29.36
C LYS D 53 -5.65 -1.83 28.72
N LEU D 54 -6.49 -2.22 27.76
CA LEU D 54 -7.26 -1.26 26.98
C LEU D 54 -8.63 -1.03 27.64
N ASP D 55 -8.61 -0.24 28.71
CA ASP D 55 -9.77 -0.01 29.58
C ASP D 55 -10.50 1.31 29.29
N GLY D 56 -10.59 1.67 28.02
CA GLY D 56 -11.32 2.86 27.60
C GLY D 56 -12.81 2.67 27.69
N THR D 57 -13.53 3.78 27.88
CA THR D 57 -15.00 3.78 27.92
C THR D 57 -15.62 3.59 26.54
N LEU D 58 -14.89 4.00 25.49
CA LEU D 58 -15.38 3.88 24.12
C LEU D 58 -14.95 2.58 23.44
N VAL D 59 -15.87 1.60 23.48
CA VAL D 59 -15.74 0.34 22.77
C VAL D 59 -16.56 0.46 21.50
N LEU D 60 -15.93 0.19 20.35
CA LEU D 60 -16.62 0.27 19.06
C LEU D 60 -16.30 -0.93 18.17
N ASP D 61 -17.20 -1.18 17.22
CA ASP D 61 -17.01 -2.14 16.14
C ASP D 61 -15.77 -1.80 15.34
N LYS D 62 -15.08 -2.83 14.83
CA LYS D 62 -13.92 -2.68 13.96
C LYS D 62 -14.23 -1.79 12.75
N ILE D 63 -15.39 -2.02 12.13
CA ILE D 63 -15.91 -1.22 11.01
C ILE D 63 -16.08 0.24 11.41
N THR D 64 -16.62 0.47 12.62
CA THR D 64 -16.85 1.83 13.13
C THR D 64 -15.54 2.57 13.41
N TRP D 65 -14.58 1.88 14.03
CA TRP D 65 -13.26 2.46 14.31
C TRP D 65 -12.50 2.86 13.05
N LEU D 66 -12.37 1.90 12.13
CA LEU D 66 -11.43 2.01 11.02
C LEU D 66 -12.04 2.46 9.69
N GLY D 67 -13.31 2.09 9.47
CA GLY D 67 -14.02 2.43 8.23
C GLY D 67 -13.39 1.80 7.01
N GLU D 68 -12.99 2.64 6.05
CA GLU D 68 -12.35 2.18 4.82
C GLU D 68 -10.85 2.01 4.98
N THR D 69 -10.30 2.52 6.08
CA THR D 69 -8.88 2.35 6.40
C THR D 69 -8.61 0.98 7.02
N LEU D 70 -9.66 0.15 7.12
CA LEU D 70 -9.59 -1.19 7.70
C LEU D 70 -8.52 -2.06 7.04
N GLN D 71 -8.63 -2.22 5.72
CA GLN D 71 -7.66 -2.99 4.92
C GLN D 71 -6.23 -2.50 5.11
N ALA D 72 -6.05 -1.18 5.03
CA ALA D 72 -4.75 -0.53 5.15
C ALA D 72 -4.13 -0.73 6.52
N THR D 73 -4.94 -0.57 7.57
CA THR D 73 -4.52 -0.73 8.96
C THR D 73 -3.97 -2.14 9.23
N GLU D 74 -4.74 -3.15 8.84
CA GLU D 74 -4.37 -4.56 9.02
C GLU D 74 -3.16 -4.94 8.17
N LEU D 75 -3.08 -4.36 6.97
CA LEU D 75 -1.97 -4.57 6.06
C LEU D 75 -0.67 -4.01 6.65
N VAL D 76 -0.72 -2.78 7.16
CA VAL D 76 0.44 -2.12 7.76
C VAL D 76 0.89 -2.87 9.01
N LEU D 77 -0.06 -3.31 9.82
CA LEU D 77 0.22 -4.11 11.01
C LEU D 77 0.89 -5.44 10.65
N LYS D 78 0.48 -6.02 9.52
CA LYS D 78 1.08 -7.22 8.97
C LYS D 78 2.52 -6.96 8.53
N MET D 79 2.73 -5.80 7.90
CA MET D 79 4.04 -5.40 7.39
C MET D 79 5.02 -5.06 8.50
N LEU D 80 4.61 -4.18 9.40
CA LEU D 80 5.47 -3.70 10.48
C LEU D 80 5.75 -4.74 11.54
N TYR D 81 4.82 -5.67 11.73
CA TYR D 81 4.95 -6.70 12.75
C TYR D 81 4.49 -8.09 12.24
N PRO D 82 5.30 -8.72 11.34
CA PRO D 82 4.96 -10.06 10.86
C PRO D 82 5.06 -11.14 11.94
N GLN D 83 5.72 -10.80 13.05
CA GLN D 83 5.89 -11.70 14.19
C GLN D 83 4.61 -11.90 15.00
N LEU D 84 3.85 -10.82 15.19
CA LEU D 84 2.67 -10.81 16.06
C LEU D 84 1.51 -11.57 15.48
N GLU D 85 0.87 -12.39 16.32
CA GLU D 85 -0.42 -12.98 15.98
C GLU D 85 -1.51 -12.06 16.54
N GLN D 86 -2.74 -12.25 16.08
CA GLN D 86 -3.87 -11.34 16.33
C GLN D 86 -4.08 -10.76 17.74
N LYS D 87 -3.79 -11.55 18.76
CA LYS D 87 -3.95 -11.17 20.18
C LYS D 87 -3.28 -9.82 20.54
N ALA D 88 -2.06 -9.62 20.06
CA ALA D 88 -1.28 -8.41 20.34
C ALA D 88 -1.39 -7.33 19.24
N LEU D 89 -2.16 -7.62 18.19
CA LEU D 89 -2.38 -6.66 17.10
C LEU D 89 -3.20 -5.46 17.57
N ILE D 90 -4.21 -5.73 18.40
CA ILE D 90 -5.03 -4.69 19.05
C ILE D 90 -4.14 -3.78 19.88
N LYS D 91 -3.16 -4.39 20.55
CA LYS D 91 -2.18 -3.69 21.39
C LYS D 91 -1.31 -2.76 20.55
N ALA D 92 -0.86 -3.26 19.40
CA ALA D 92 -0.02 -2.49 18.48
C ALA D 92 -0.79 -1.32 17.85
N TRP D 93 -2.02 -1.59 17.44
CA TRP D 93 -2.92 -0.59 16.86
C TRP D 93 -3.18 0.58 17.83
N ALA D 94 -3.55 0.23 19.07
CA ALA D 94 -3.84 1.22 20.12
C ALA D 94 -2.60 2.03 20.52
N ALA D 95 -1.43 1.40 20.48
CA ALA D 95 -0.16 2.05 20.78
C ALA D 95 0.20 3.08 19.72
N HIS D 96 -0.13 2.77 18.45
CA HIS D 96 0.07 3.72 17.36
C HIS D 96 -0.90 4.90 17.41
N VAL D 97 -2.15 4.62 17.78
CA VAL D 97 -3.14 5.69 17.95
C VAL D 97 -2.69 6.66 19.07
N GLU D 98 -2.22 6.09 20.17
CA GLU D 98 -1.71 6.83 21.33
C GLU D 98 -0.51 7.71 20.99
N ASP D 99 0.46 7.11 20.30
CA ASP D 99 1.64 7.82 19.81
C ASP D 99 1.26 8.90 18.78
N GLY D 100 0.29 8.58 17.92
CA GLY D 100 -0.20 9.48 16.89
C GLY D 100 -0.86 10.73 17.42
N ILE D 101 -1.78 10.56 18.37
CA ILE D 101 -2.45 11.69 19.05
C ILE D 101 -1.41 12.56 19.77
N ALA D 102 -0.44 11.90 20.41
CA ALA D 102 0.70 12.58 21.05
C ALA D 102 1.50 13.44 20.06
N ALA D 103 1.67 12.95 18.83
CA ALA D 103 2.33 13.69 17.75
C ALA D 103 1.52 14.90 17.26
N LEU D 104 0.20 14.78 17.29
CA LEU D 104 -0.70 15.89 16.91
C LEU D 104 -1.11 16.73 18.13
#